data_3IWG
#
_entry.id   3IWG
#
_cell.length_a   67.531
_cell.length_b   67.531
_cell.length_c   137.852
_cell.angle_alpha   90.000
_cell.angle_beta   90.000
_cell.angle_gamma   120.000
#
_symmetry.space_group_name_H-M   'P 31'
#
loop_
_entity.id
_entity.type
_entity.pdbx_description
1 polymer 'Acetyltransferase, GNAT family'
2 non-polymer 'SULFATE ION'
3 non-polymer 'CHLORIDE ION'
4 water water
#
_entity_poly.entity_id   1
_entity_poly.type   'polypeptide(L)'
_entity_poly.pdbx_seq_one_letter_code
;SNA(MSE)FKIKTIESLSDLTQLKKAYFDSSIVPLDG(MSE)WHFGFAP(MSE)AKHFGFYVNKNLVGFCCVNDDGYLLQ
YYLQPEFQLCSQELFTLISQQNSSVIGEVKGAFVSTAELNYQALCLDNSATFKVNSL(MSE)YQHNTKLADRNLE(MSE)
ID(MSE)QIAGTEQLTAFVTFAAANIGAPEQWLTQYYGNLIERKELFGYWHKGKLLAAGECRLFDQYQTEYADLG(MSE)
IVAQSNRGQGIAKKVLTFLTKHAATQGLTSICSTESNNVAAQKAIAHAGFTSAHRIVQFEFKHA
;
_entity_poly.pdbx_strand_id   A,B
#
# COMPACT_ATOMS: atom_id res chain seq x y z
N PHE A 5 -15.43 -34.03 -12.99
CA PHE A 5 -14.74 -32.78 -12.58
C PHE A 5 -13.86 -32.21 -13.69
N LYS A 6 -14.18 -31.00 -14.13
CA LYS A 6 -13.28 -30.22 -14.96
C LYS A 6 -12.60 -29.15 -14.05
N ILE A 7 -11.28 -29.05 -14.10
CA ILE A 7 -10.60 -27.92 -13.47
C ILE A 7 -10.39 -26.84 -14.53
N LYS A 8 -10.70 -25.59 -14.17
CA LYS A 8 -10.54 -24.44 -15.06
C LYS A 8 -9.88 -23.33 -14.27
N THR A 9 -9.07 -22.56 -14.95
CA THR A 9 -8.40 -21.43 -14.35
C THR A 9 -9.53 -20.38 -14.11
N ILE A 10 -9.41 -19.54 -13.09
CA ILE A 10 -10.43 -18.53 -12.81
C ILE A 10 -9.82 -17.13 -12.82
N GLU A 11 -10.29 -16.21 -13.66
CA GLU A 11 -9.68 -14.86 -13.68
C GLU A 11 -10.36 -13.88 -12.70
N SER A 12 -11.69 -13.91 -12.67
CA SER A 12 -12.43 -12.93 -11.88
C SER A 12 -12.86 -13.60 -10.60
N LEU A 13 -12.25 -13.14 -9.52
CA LEU A 13 -12.54 -13.64 -8.16
C LEU A 13 -14.03 -13.45 -7.75
N SER A 14 -14.73 -12.59 -8.49
CA SER A 14 -16.19 -12.38 -8.43
C SER A 14 -16.96 -13.68 -8.62
N ASP A 15 -16.49 -14.54 -9.51
CA ASP A 15 -17.06 -15.87 -9.69
C ASP A 15 -17.08 -16.77 -8.44
N LEU A 16 -16.27 -16.42 -7.43
CA LEU A 16 -16.08 -17.26 -6.25
C LEU A 16 -16.69 -16.68 -4.96
N THR A 17 -17.37 -15.55 -5.08
CA THR A 17 -18.01 -14.88 -3.95
C THR A 17 -18.79 -15.77 -2.98
N GLN A 18 -19.65 -16.62 -3.54
CA GLN A 18 -20.45 -17.53 -2.75
C GLN A 18 -19.60 -18.67 -2.22
N LEU A 19 -18.78 -19.27 -3.07
CA LEU A 19 -17.98 -20.38 -2.62
C LEU A 19 -16.99 -19.93 -1.52
N LYS A 20 -16.40 -18.74 -1.69
CA LYS A 20 -15.49 -18.23 -0.68
C LYS A 20 -16.20 -17.98 0.66
N LYS A 21 -17.38 -17.40 0.60
CA LYS A 21 -18.14 -17.13 1.82
C LYS A 21 -18.48 -18.43 2.56
N ALA A 22 -18.79 -19.49 1.83
CA ALA A 22 -19.07 -20.76 2.49
C ALA A 22 -17.78 -21.33 3.07
N TYR A 23 -16.68 -21.18 2.32
CA TYR A 23 -15.37 -21.62 2.82
C TYR A 23 -15.09 -21.04 4.21
N PHE A 24 -15.24 -19.72 4.32
CA PHE A 24 -14.99 -19.00 5.57
C PHE A 24 -16.00 -19.32 6.68
N ASP A 25 -17.28 -19.39 6.32
CA ASP A 25 -18.31 -19.81 7.27
C ASP A 25 -17.99 -21.18 7.93
N SER A 26 -17.41 -22.10 7.14
CA SER A 26 -17.07 -23.42 7.61
C SER A 26 -15.92 -23.39 8.63
N SER A 27 -15.07 -22.35 8.65
CA SER A 27 -13.89 -22.34 9.58
C SER A 27 -14.30 -22.38 11.07
N ILE A 28 -13.53 -23.11 11.89
CA ILE A 28 -13.87 -23.32 13.29
C ILE A 28 -13.61 -22.04 14.02
N VAL A 29 -12.51 -21.37 13.66
CA VAL A 29 -12.24 -20.03 14.19
C VAL A 29 -12.01 -19.08 13.05
N PRO A 30 -12.03 -17.79 13.32
CA PRO A 30 -11.56 -16.88 12.25
C PRO A 30 -10.13 -17.20 11.78
N LEU A 31 -9.91 -17.14 10.47
CA LEU A 31 -8.60 -17.40 9.89
C LEU A 31 -7.70 -16.16 9.81
N ASP A 32 -6.42 -16.41 9.64
CA ASP A 32 -5.43 -15.35 9.65
C ASP A 32 -5.59 -14.36 8.50
N GLY A 33 -5.80 -13.11 8.86
CA GLY A 33 -5.90 -12.02 7.87
C GLY A 33 -4.83 -11.90 6.79
N TRP A 35 -2.72 -14.25 5.75
CA TRP A 35 -2.84 -15.43 4.90
C TRP A 35 -4.04 -15.38 3.96
N HIS A 36 -5.22 -15.07 4.49
CA HIS A 36 -6.45 -15.26 3.72
C HIS A 36 -6.99 -14.05 3.04
N PHE A 37 -6.64 -12.85 3.50
CA PHE A 37 -7.02 -11.63 2.78
C PHE A 37 -5.88 -10.84 2.17
N GLY A 38 -4.64 -11.24 2.43
CA GLY A 38 -3.46 -10.65 1.81
C GLY A 38 -3.00 -11.62 0.75
N PHE A 39 -2.46 -12.78 1.17
CA PHE A 39 -1.88 -13.77 0.22
C PHE A 39 -2.88 -14.49 -0.66
N ALA A 40 -3.94 -15.07 -0.11
CA ALA A 40 -4.83 -15.89 -0.94
C ALA A 40 -5.41 -15.19 -2.20
N PRO A 41 -5.90 -13.95 -2.09
CA PRO A 41 -6.44 -13.25 -3.28
C PRO A 41 -5.38 -12.94 -4.35
N ALA A 43 -3.02 -15.27 -5.07
CA ALA A 43 -2.66 -16.61 -5.57
C ALA A 43 -3.47 -16.96 -6.81
N LYS A 44 -3.05 -17.98 -7.57
CA LYS A 44 -3.76 -18.41 -8.77
CA LYS A 44 -3.76 -18.46 -8.77
C LYS A 44 -4.97 -19.23 -8.32
N HIS A 45 -6.11 -19.03 -8.97
CA HIS A 45 -7.32 -19.71 -8.56
C HIS A 45 -7.82 -20.64 -9.58
N PHE A 46 -8.33 -21.77 -9.15
CA PHE A 46 -8.95 -22.72 -10.05
C PHE A 46 -10.31 -23.07 -9.50
N GLY A 47 -11.19 -23.36 -10.43
CA GLY A 47 -12.54 -23.78 -10.14
C GLY A 47 -12.74 -25.21 -10.57
N PHE A 48 -13.67 -25.83 -9.86
CA PHE A 48 -14.01 -27.20 -10.02
C PHE A 48 -15.45 -27.21 -10.55
N TYR A 49 -15.61 -27.84 -11.69
CA TYR A 49 -16.82 -27.75 -12.47
C TYR A 49 -17.38 -29.14 -12.66
N VAL A 50 -18.57 -29.31 -12.11
CA VAL A 50 -19.42 -30.42 -12.41
C VAL A 50 -20.44 -29.88 -13.43
N ASN A 51 -20.31 -30.45 -14.63
CA ASN A 51 -21.31 -30.28 -15.68
C ASN A 51 -21.53 -28.82 -16.02
N LYS A 52 -20.47 -28.03 -15.87
CA LYS A 52 -20.49 -26.60 -16.17
C LYS A 52 -21.19 -25.75 -15.09
N ASN A 53 -21.40 -26.35 -13.91
CA ASN A 53 -21.64 -25.53 -12.70
C ASN A 53 -20.43 -25.50 -11.76
N LEU A 54 -20.06 -24.30 -11.35
CA LEU A 54 -18.95 -24.09 -10.44
C LEU A 54 -19.26 -24.52 -8.99
N VAL A 55 -18.79 -25.70 -8.58
CA VAL A 55 -19.13 -26.28 -7.26
C VAL A 55 -17.98 -26.35 -6.24
N GLY A 56 -16.82 -25.82 -6.61
CA GLY A 56 -15.69 -25.66 -5.70
C GLY A 56 -14.51 -24.93 -6.29
N PHE A 57 -13.47 -24.72 -5.49
CA PHE A 57 -12.27 -24.02 -5.96
C PHE A 57 -11.01 -24.31 -5.11
N CYS A 58 -9.86 -23.92 -5.65
CA CYS A 58 -8.65 -23.87 -4.84
C CYS A 58 -7.77 -22.73 -5.32
N CYS A 59 -6.76 -22.40 -4.53
CA CYS A 59 -5.72 -21.44 -4.99
C CYS A 59 -4.31 -21.86 -4.62
N VAL A 60 -3.41 -21.63 -5.56
CA VAL A 60 -2.02 -22.07 -5.43
C VAL A 60 -1.15 -20.84 -5.53
N ASN A 61 -0.30 -20.64 -4.54
CA ASN A 61 0.61 -19.52 -4.58
C ASN A 61 1.74 -19.76 -5.56
N ASP A 62 2.62 -18.77 -5.63
CA ASP A 62 3.76 -18.78 -6.53
C ASP A 62 4.80 -19.85 -6.31
N ASP A 63 4.92 -20.30 -5.08
CA ASP A 63 5.86 -21.36 -4.78
C ASP A 63 5.31 -22.72 -5.08
N GLY A 64 4.03 -22.81 -5.45
CA GLY A 64 3.41 -24.12 -5.72
C GLY A 64 2.66 -24.72 -4.54
N TYR A 65 2.26 -23.87 -3.60
CA TYR A 65 1.59 -24.34 -2.42
C TYR A 65 0.17 -23.87 -2.39
N LEU A 66 -0.72 -24.84 -2.18
CA LEU A 66 -2.10 -24.57 -1.94
C LEU A 66 -2.26 -23.69 -0.74
N LEU A 67 -3.24 -22.82 -0.81
CA LEU A 67 -3.57 -21.95 0.28
C LEU A 67 -5.01 -22.18 0.69
N GLN A 68 -5.88 -22.54 -0.26
CA GLN A 68 -7.31 -22.72 0.00
C GLN A 68 -7.83 -23.86 -0.91
N TYR A 69 -8.79 -24.61 -0.40
CA TYR A 69 -9.46 -25.68 -1.13
C TYR A 69 -10.88 -25.87 -0.57
N TYR A 70 -11.84 -26.01 -1.45
CA TYR A 70 -13.21 -26.14 -1.02
C TYR A 70 -14.02 -26.80 -2.11
N LEU A 71 -14.79 -27.82 -1.73
CA LEU A 71 -15.85 -28.42 -2.58
C LEU A 71 -17.18 -28.39 -1.87
N GLN A 72 -18.25 -28.11 -2.59
CA GLN A 72 -19.55 -28.21 -1.97
C GLN A 72 -19.67 -29.54 -1.16
N PRO A 73 -20.35 -29.45 -0.01
CA PRO A 73 -20.18 -30.43 1.06
C PRO A 73 -20.56 -31.85 0.67
N GLU A 74 -21.43 -31.96 -0.34
CA GLU A 74 -21.94 -33.25 -0.76
C GLU A 74 -21.03 -34.06 -1.70
N PHE A 75 -19.76 -33.64 -1.89
CA PHE A 75 -18.84 -34.40 -2.75
C PHE A 75 -17.69 -35.07 -1.99
N GLN A 76 -17.91 -35.41 -0.73
CA GLN A 76 -17.01 -36.34 -0.02
C GLN A 76 -16.08 -37.17 -0.96
N LEU A 77 -16.66 -38.03 -1.80
CA LEU A 77 -15.85 -39.10 -2.45
C LEU A 77 -15.05 -38.58 -3.63
N CYS A 78 -15.75 -37.86 -4.49
CA CYS A 78 -15.10 -37.17 -5.56
C CYS A 78 -14.04 -36.20 -4.98
N SER A 79 -14.29 -35.62 -3.81
CA SER A 79 -13.36 -34.64 -3.23
C SER A 79 -11.97 -35.25 -2.99
N GLN A 80 -11.97 -36.47 -2.48
CA GLN A 80 -10.75 -37.20 -2.21
C GLN A 80 -10.04 -37.55 -3.49
N GLU A 81 -10.80 -38.04 -4.47
CA GLU A 81 -10.27 -38.36 -5.80
C GLU A 81 -9.60 -37.11 -6.33
N LEU A 82 -10.34 -36.00 -6.27
CA LEU A 82 -9.84 -34.70 -6.74
C LEU A 82 -8.52 -34.24 -6.08
N PHE A 83 -8.56 -34.08 -4.78
CA PHE A 83 -7.37 -33.66 -4.06
C PHE A 83 -6.15 -34.53 -4.35
N THR A 84 -6.34 -35.85 -4.35
CA THR A 84 -5.26 -36.79 -4.68
C THR A 84 -4.68 -36.52 -6.07
N LEU A 85 -5.54 -36.42 -7.08
CA LEU A 85 -5.12 -36.08 -8.45
C LEU A 85 -4.29 -34.81 -8.47
N ILE A 86 -4.79 -33.79 -7.80
CA ILE A 86 -4.10 -32.50 -7.75
C ILE A 86 -2.78 -32.61 -6.98
N SER A 87 -2.80 -33.27 -5.81
CA SER A 87 -1.57 -33.49 -4.98
C SER A 87 -0.50 -34.40 -5.60
N GLN A 88 -0.92 -35.40 -6.39
CA GLN A 88 0.03 -36.24 -7.18
C GLN A 88 0.27 -35.68 -8.61
N GLN A 89 0.09 -34.36 -8.77
CA GLN A 89 0.57 -33.62 -9.95
C GLN A 89 0.01 -34.10 -11.29
N ASN A 90 -1.16 -34.71 -11.27
CA ASN A 90 -1.81 -35.18 -12.49
C ASN A 90 -2.87 -34.18 -13.03
N SER A 91 -2.97 -32.97 -12.45
CA SER A 91 -3.87 -31.95 -12.99
C SER A 91 -3.15 -31.22 -14.12
N SER A 92 -3.65 -31.42 -15.33
CA SER A 92 -3.12 -30.73 -16.51
C SER A 92 -3.06 -29.23 -16.21
N VAL A 93 -4.19 -28.70 -15.76
CA VAL A 93 -4.40 -27.27 -15.72
C VAL A 93 -3.68 -26.64 -14.52
N ILE A 94 -3.84 -27.24 -13.33
CA ILE A 94 -3.24 -26.71 -12.10
C ILE A 94 -1.73 -26.92 -12.09
N GLY A 95 -1.29 -28.05 -12.62
CA GLY A 95 0.12 -28.33 -12.76
C GLY A 95 0.75 -28.88 -11.50
N GLU A 96 2.07 -28.74 -11.41
CA GLU A 96 2.82 -29.34 -10.31
C GLU A 96 2.62 -28.54 -9.03
N VAL A 97 1.98 -29.14 -8.04
CA VAL A 97 1.79 -28.52 -6.74
C VAL A 97 2.68 -29.24 -5.74
N LYS A 98 3.44 -28.48 -4.95
CA LYS A 98 4.43 -29.05 -4.04
C LYS A 98 3.87 -29.38 -2.67
N GLY A 99 2.80 -28.69 -2.28
CA GLY A 99 2.33 -28.78 -0.92
C GLY A 99 1.15 -27.91 -0.58
N ALA A 100 0.89 -27.77 0.69
CA ALA A 100 -0.22 -26.94 1.09
C ALA A 100 0.06 -26.27 2.41
N PHE A 101 -0.53 -25.09 2.57
CA PHE A 101 -0.67 -24.47 3.86
C PHE A 101 -2.16 -24.53 4.22
N VAL A 102 -2.39 -24.88 5.47
CA VAL A 102 -3.70 -25.15 5.97
C VAL A 102 -3.65 -25.06 7.48
N SER A 103 -4.74 -24.56 8.08
CA SER A 103 -4.82 -24.56 9.53
C SER A 103 -5.68 -25.68 10.04
N THR A 104 -5.49 -25.92 11.32
CA THR A 104 -6.32 -26.81 12.07
C THR A 104 -7.77 -26.38 12.21
N ALA A 105 -8.13 -25.21 11.64
CA ALA A 105 -9.50 -24.71 11.69
C ALA A 105 -10.19 -24.92 10.37
N GLU A 106 -9.45 -25.43 9.36
CA GLU A 106 -10.11 -25.78 8.09
C GLU A 106 -10.16 -27.31 7.91
N LEU A 107 -11.25 -27.91 8.42
CA LEU A 107 -11.23 -29.33 8.76
C LEU A 107 -11.18 -30.16 7.50
N ASN A 108 -12.04 -29.84 6.55
CA ASN A 108 -12.07 -30.60 5.30
C ASN A 108 -10.80 -30.51 4.50
N TYR A 109 -10.23 -29.32 4.43
CA TYR A 109 -9.04 -29.12 3.59
C TYR A 109 -7.89 -29.80 4.31
N GLN A 110 -7.84 -29.63 5.62
CA GLN A 110 -6.79 -30.28 6.44
C GLN A 110 -6.81 -31.80 6.29
N ALA A 111 -8.00 -32.38 6.33
CA ALA A 111 -8.11 -33.81 6.26
C ALA A 111 -7.39 -34.30 5.04
N LEU A 112 -7.62 -33.61 3.93
CA LEU A 112 -7.15 -34.09 2.65
C LEU A 112 -5.67 -33.95 2.60
N CYS A 113 -5.14 -32.89 3.20
CA CYS A 113 -3.70 -32.71 3.28
C CYS A 113 -3.06 -33.83 4.08
N LEU A 114 -3.63 -34.11 5.25
CA LEU A 114 -3.20 -35.23 6.08
C LEU A 114 -3.09 -36.49 5.24
N ASP A 115 -4.14 -36.82 4.48
CA ASP A 115 -4.20 -38.04 3.66
C ASP A 115 -3.09 -38.10 2.65
N ASN A 116 -2.73 -36.96 2.08
CA ASN A 116 -1.91 -36.99 0.90
C ASN A 116 -0.52 -36.47 1.05
N SER A 117 -0.11 -36.14 2.27
CA SER A 117 1.18 -35.46 2.43
C SER A 117 2.23 -36.40 2.96
N ALA A 118 3.47 -36.12 2.64
CA ALA A 118 4.59 -36.91 3.11
C ALA A 118 5.05 -36.34 4.44
N THR A 119 5.39 -35.05 4.47
CA THR A 119 5.98 -34.42 5.66
C THR A 119 5.27 -33.14 6.03
N PHE A 120 5.63 -32.61 7.18
CA PHE A 120 5.07 -31.38 7.59
C PHE A 120 5.97 -30.63 8.54
N LYS A 121 5.71 -29.34 8.64
CA LYS A 121 6.12 -28.57 9.77
C LYS A 121 5.10 -27.50 10.11
N VAL A 122 5.15 -27.04 11.35
CA VAL A 122 4.27 -25.99 11.81
C VAL A 122 4.77 -24.67 11.27
N ASN A 123 3.88 -23.82 10.83
CA ASN A 123 4.29 -22.47 10.37
C ASN A 123 4.00 -21.39 11.43
N SER A 124 2.84 -21.42 12.05
CA SER A 124 2.52 -20.42 13.05
C SER A 124 1.43 -20.88 13.96
N LEU A 125 1.25 -20.10 15.01
CA LEU A 125 0.20 -20.35 15.96
C LEU A 125 -0.85 -19.27 15.80
N TYR A 127 -4.01 -17.52 17.78
CA TYR A 127 -4.47 -17.32 19.11
C TYR A 127 -5.72 -16.55 19.12
N GLN A 128 -6.44 -16.68 20.23
CA GLN A 128 -7.54 -15.81 20.44
C GLN A 128 -7.65 -15.43 21.91
N HIS A 129 -8.40 -14.39 22.18
CA HIS A 129 -8.34 -13.76 23.45
C HIS A 129 -9.50 -14.13 24.28
N ASN A 130 -9.18 -14.85 25.35
CA ASN A 130 -10.07 -15.19 26.44
C ASN A 130 -10.12 -14.00 27.42
N THR A 131 -11.29 -13.40 27.66
CA THR A 131 -11.37 -12.28 28.66
C THR A 131 -10.98 -12.76 30.10
N LYS A 132 -10.04 -13.72 30.19
CA LYS A 132 -9.36 -14.09 31.46
C LYS A 132 -7.83 -13.79 31.35
N LEU A 133 -7.54 -12.47 31.27
CA LEU A 133 -6.20 -11.87 31.52
C LEU A 133 -6.10 -11.11 32.88
N ALA A 134 -4.94 -10.49 33.15
CA ALA A 134 -4.72 -9.45 34.20
C ALA A 134 -5.80 -9.26 35.28
N ASN A 137 -6.01 -4.39 37.41
CA ASN A 137 -5.31 -3.52 38.37
C ASN A 137 -3.84 -3.26 37.97
N LEU A 138 -3.53 -3.56 36.71
CA LEU A 138 -2.18 -3.57 36.17
C LEU A 138 -1.93 -2.34 35.30
N GLU A 139 -0.88 -1.57 35.59
CA GLU A 139 -0.43 -0.42 34.75
C GLU A 139 -0.48 -0.63 33.20
N ILE A 141 -0.22 1.12 29.32
CA ILE A 141 0.44 2.20 28.57
C ILE A 141 -0.55 2.98 27.74
N ASP A 142 -0.12 4.15 27.28
CA ASP A 142 -0.89 4.95 26.33
C ASP A 142 -0.20 4.93 24.95
N GLN A 144 -0.51 6.33 20.93
CA GLN A 144 -1.19 7.36 20.16
C GLN A 144 -1.45 6.90 18.71
N ILE A 145 -2.64 7.16 18.21
CA ILE A 145 -3.02 6.68 16.88
C ILE A 145 -2.10 7.37 15.87
N ALA A 146 -1.63 6.65 14.85
CA ALA A 146 -0.72 7.27 13.88
C ALA A 146 -1.50 8.25 12.97
N GLY A 147 -0.86 9.37 12.69
CA GLY A 147 -1.34 10.34 11.71
C GLY A 147 -0.36 10.34 10.54
N THR A 148 -0.82 10.97 9.47
CA THR A 148 -0.17 11.00 8.19
C THR A 148 1.24 11.50 8.35
N GLU A 149 1.40 12.51 9.17
CA GLU A 149 2.72 13.12 9.38
C GLU A 149 3.79 12.15 9.88
N GLN A 150 3.38 11.08 10.55
CA GLN A 150 4.32 10.16 11.17
C GLN A 150 4.58 8.92 10.31
N LEU A 151 4.04 8.87 9.10
CA LEU A 151 4.22 7.63 8.32
C LEU A 151 5.66 7.28 8.17
N THR A 152 6.52 8.27 7.90
CA THR A 152 7.91 7.95 7.57
C THR A 152 8.62 7.38 8.79
N ALA A 153 8.27 7.90 9.96
CA ALA A 153 8.87 7.38 11.19
C ALA A 153 8.45 5.92 11.40
N PHE A 154 7.17 5.61 11.18
CA PHE A 154 6.77 4.21 11.27
C PHE A 154 7.50 3.33 10.27
N VAL A 155 7.65 3.82 9.04
CA VAL A 155 8.28 3.04 7.95
C VAL A 155 9.74 2.77 8.28
N THR A 156 10.44 3.81 8.67
CA THR A 156 11.80 3.65 9.13
C THR A 156 11.90 2.70 10.33
N PHE A 157 11.02 2.88 11.31
CA PHE A 157 11.00 1.95 12.45
C PHE A 157 10.81 0.46 12.01
N ALA A 158 9.82 0.20 11.15
CA ALA A 158 9.60 -1.17 10.74
C ALA A 158 10.72 -1.67 9.86
N ALA A 159 11.22 -0.84 8.94
CA ALA A 159 12.28 -1.29 8.03
C ALA A 159 13.51 -1.72 8.85
N ALA A 160 13.88 -0.88 9.82
CA ALA A 160 15.02 -1.16 10.70
C ALA A 160 14.78 -2.40 11.56
N ASN A 161 13.54 -2.65 11.97
CA ASN A 161 13.31 -3.78 12.91
C ASN A 161 12.89 -5.06 12.26
N ILE A 162 12.13 -5.05 11.18
CA ILE A 162 11.74 -6.34 10.57
C ILE A 162 12.28 -6.52 9.14
N GLY A 163 12.98 -5.54 8.59
CA GLY A 163 13.61 -5.73 7.26
C GLY A 163 12.67 -5.79 6.04
N ALA A 164 11.36 -5.56 6.23
CA ALA A 164 10.46 -5.37 5.08
C ALA A 164 10.92 -4.16 4.28
N PRO A 165 10.61 -4.13 2.98
CA PRO A 165 11.06 -3.00 2.16
C PRO A 165 10.28 -1.72 2.40
N GLU A 166 10.97 -0.60 2.24
CA GLU A 166 10.38 0.69 2.57
C GLU A 166 9.25 1.10 1.63
N GLN A 167 9.37 0.83 0.31
CA GLN A 167 8.32 1.17 -0.64
C GLN A 167 7.01 0.46 -0.22
N TRP A 168 7.13 -0.83 0.02
CA TRP A 168 6.01 -1.65 0.50
C TRP A 168 5.38 -1.14 1.82
N LEU A 169 6.23 -0.95 2.82
CA LEU A 169 5.81 -0.38 4.12
C LEU A 169 5.11 0.95 3.96
N THR A 170 5.56 1.77 3.02
CA THR A 170 4.96 3.07 2.82
C THR A 170 3.50 2.89 2.40
N GLN A 171 3.23 1.91 1.55
CA GLN A 171 1.83 1.68 1.15
C GLN A 171 1.05 0.98 2.23
N TYR A 172 1.63 -0.03 2.82
CA TYR A 172 0.89 -0.83 3.83
C TYR A 172 0.49 0.02 5.03
N TYR A 173 1.46 0.79 5.50
CA TYR A 173 1.23 1.70 6.59
C TYR A 173 0.40 2.90 6.21
N GLY A 174 0.52 3.40 4.99
CA GLY A 174 -0.35 4.52 4.56
C GLY A 174 -1.81 4.12 4.62
N ASN A 175 -2.07 2.94 4.13
CA ASN A 175 -3.38 2.40 4.19
C ASN A 175 -3.84 2.14 5.62
N LEU A 176 -2.98 1.62 6.50
CA LEU A 176 -3.45 1.41 7.89
C LEU A 176 -3.80 2.74 8.58
N ILE A 177 -3.02 3.77 8.29
CA ILE A 177 -3.21 5.08 8.88
C ILE A 177 -4.61 5.59 8.50
N GLU A 178 -4.98 5.44 7.22
CA GLU A 178 -6.29 5.87 6.74
C GLU A 178 -7.39 5.08 7.36
N ARG A 179 -7.10 3.80 7.64
CA ARG A 179 -8.11 2.96 8.28
C ARG A 179 -8.11 3.18 9.82
N LYS A 180 -7.22 4.03 10.33
CA LYS A 180 -7.02 4.20 11.79
C LYS A 180 -6.69 2.89 12.56
N GLU A 181 -5.84 2.07 11.97
CA GLU A 181 -5.48 0.79 12.58
C GLU A 181 -4.09 0.76 13.17
N LEU A 182 -3.34 1.84 13.00
CA LEU A 182 -1.93 1.81 13.41
C LEU A 182 -1.72 2.67 14.64
N PHE A 183 -0.92 2.19 15.61
CA PHE A 183 -0.60 2.97 16.78
C PHE A 183 0.89 2.91 17.11
N GLY A 184 1.35 3.93 17.81
CA GLY A 184 2.75 4.05 18.20
C GLY A 184 2.88 4.27 19.67
N TYR A 185 3.93 3.69 20.24
CA TYR A 185 4.26 3.90 21.64
C TYR A 185 5.59 4.62 21.63
N TRP A 186 5.56 5.86 22.12
CA TRP A 186 6.59 6.86 21.93
C TRP A 186 7.27 7.20 23.22
N HIS A 187 8.52 7.56 23.09
CA HIS A 187 9.23 8.13 24.20
C HIS A 187 10.26 9.07 23.67
N LYS A 188 10.21 10.30 24.17
CA LYS A 188 11.21 11.35 23.84
C LYS A 188 11.37 11.52 22.32
N GLY A 189 10.25 11.64 21.60
CA GLY A 189 10.27 11.70 20.15
C GLY A 189 10.63 10.42 19.38
N LYS A 190 10.79 9.28 20.05
CA LYS A 190 11.11 8.03 19.35
C LYS A 190 10.11 6.89 19.62
N LEU A 191 10.04 6.00 18.65
CA LEU A 191 9.09 4.89 18.67
C LEU A 191 9.69 3.76 19.50
N LEU A 192 9.01 3.35 20.58
CA LEU A 192 9.40 2.14 21.28
C LEU A 192 8.72 0.91 20.66
N ALA A 193 7.55 1.09 20.06
CA ALA A 193 6.86 -0.01 19.43
C ALA A 193 5.78 0.50 18.52
N ALA A 194 5.33 -0.35 17.61
CA ALA A 194 4.22 -0.04 16.69
C ALA A 194 3.19 -1.12 16.86
N GLY A 195 1.92 -0.76 16.93
CA GLY A 195 0.86 -1.73 17.08
C GLY A 195 -0.18 -1.57 16.00
N GLU A 196 -0.76 -2.69 15.59
CA GLU A 196 -1.83 -2.76 14.58
C GLU A 196 -3.08 -3.45 15.16
N CYS A 197 -4.24 -2.82 14.99
CA CYS A 197 -5.50 -3.37 15.38
C CYS A 197 -6.40 -3.35 14.14
N ARG A 198 -6.36 -4.42 13.35
CA ARG A 198 -6.93 -4.39 12.03
C ARG A 198 -8.29 -4.98 11.97
N LEU A 199 -9.21 -4.30 11.31
CA LEU A 199 -10.54 -4.83 11.14
C LEU A 199 -10.54 -5.62 9.89
N PHE A 200 -11.49 -6.53 9.80
CA PHE A 200 -11.80 -7.25 8.57
C PHE A 200 -12.97 -6.62 7.84
N ASP A 201 -12.83 -6.42 6.54
CA ASP A 201 -13.92 -5.82 5.79
C ASP A 201 -15.11 -6.77 5.51
N GLN A 202 -14.84 -8.09 5.51
CA GLN A 202 -15.88 -9.11 5.28
C GLN A 202 -15.59 -10.39 6.05
N TYR A 203 -16.62 -11.18 6.24
CA TYR A 203 -16.52 -12.54 6.81
C TYR A 203 -16.21 -12.60 8.28
N GLN A 204 -15.27 -11.78 8.74
CA GLN A 204 -14.84 -11.89 10.11
C GLN A 204 -14.96 -10.57 10.84
N THR A 205 -16.01 -9.81 10.52
CA THR A 205 -16.15 -8.43 11.00
C THR A 205 -16.42 -8.30 12.51
N GLU A 206 -16.44 -9.41 13.23
CA GLU A 206 -16.59 -9.35 14.66
C GLU A 206 -15.20 -9.46 15.34
N TYR A 207 -14.14 -9.58 14.57
CA TYR A 207 -12.80 -9.71 15.12
C TYR A 207 -11.82 -8.59 14.72
N ALA A 208 -10.80 -8.43 15.56
CA ALA A 208 -9.67 -7.57 15.26
C ALA A 208 -8.39 -8.44 15.25
N ASP A 209 -7.57 -8.26 14.24
CA ASP A 209 -6.37 -9.03 14.07
C ASP A 209 -5.20 -8.10 14.47
N LEU A 210 -4.47 -8.46 15.52
CA LEU A 210 -3.44 -7.61 16.09
C LEU A 210 -2.02 -7.98 15.64
N GLY A 211 -1.18 -6.98 15.48
CA GLY A 211 0.27 -7.18 15.27
C GLY A 211 1.04 -6.13 16.03
N ILE A 213 5.38 -4.55 16.63
CA ILE A 213 6.81 -4.57 16.52
C ILE A 213 7.40 -3.79 17.69
N VAL A 214 8.29 -4.43 18.42
CA VAL A 214 8.98 -3.78 19.53
C VAL A 214 10.32 -3.37 19.04
N ALA A 215 10.76 -2.19 19.40
CA ALA A 215 12.10 -1.75 18.97
C ALA A 215 13.12 -2.78 19.45
N GLN A 216 14.01 -3.15 18.53
CA GLN A 216 15.05 -4.14 18.82
C GLN A 216 15.98 -3.64 19.93
N SER A 217 15.99 -2.34 20.17
CA SER A 217 16.75 -1.75 21.30
C SER A 217 16.08 -1.88 22.69
N ASN A 218 14.90 -2.47 22.74
CA ASN A 218 14.08 -2.49 23.95
C ASN A 218 13.38 -3.85 24.11
N ARG A 219 14.03 -4.91 23.67
CA ARG A 219 13.53 -6.25 23.91
C ARG A 219 13.74 -6.61 25.38
N GLY A 220 12.85 -7.46 25.88
CA GLY A 220 13.01 -8.01 27.22
C GLY A 220 12.62 -7.03 28.34
N GLN A 221 11.88 -5.99 27.97
CA GLN A 221 11.40 -4.97 28.88
C GLN A 221 9.87 -4.97 29.03
N GLY A 222 9.21 -5.99 28.50
CA GLY A 222 7.79 -6.20 28.70
C GLY A 222 6.90 -5.42 27.78
N ILE A 223 7.48 -4.81 26.76
CA ILE A 223 6.75 -3.85 25.98
C ILE A 223 5.72 -4.53 25.15
N ALA A 224 6.01 -5.68 24.55
CA ALA A 224 5.03 -6.29 23.61
C ALA A 224 3.76 -6.65 24.39
N LYS A 225 3.91 -7.19 25.60
CA LYS A 225 2.73 -7.51 26.37
C LYS A 225 1.82 -6.30 26.50
N LYS A 226 2.42 -5.16 26.85
CA LYS A 226 1.66 -3.98 27.11
C LYS A 226 0.96 -3.46 25.87
N VAL A 227 1.60 -3.67 24.72
CA VAL A 227 1.09 -3.18 23.44
C VAL A 227 -0.13 -4.00 23.09
N LEU A 228 0.02 -5.30 23.20
CA LEU A 228 -1.08 -6.22 22.96
C LEU A 228 -2.27 -5.89 23.89
N THR A 229 -2.00 -5.58 25.14
CA THR A 229 -3.06 -5.26 26.07
C THR A 229 -3.80 -4.00 25.63
N PHE A 230 -3.08 -2.97 25.21
CA PHE A 230 -3.73 -1.76 24.70
C PHE A 230 -4.60 -2.08 23.49
N LEU A 231 -4.01 -2.80 22.56
CA LEU A 231 -4.61 -3.06 21.30
C LEU A 231 -5.89 -3.87 21.50
N THR A 232 -5.86 -4.81 22.47
CA THR A 232 -7.06 -5.60 22.83
C THR A 232 -8.16 -4.71 23.40
N LYS A 233 -7.77 -3.76 24.26
CA LYS A 233 -8.77 -2.86 24.81
C LYS A 233 -9.40 -2.00 23.69
N HIS A 234 -8.59 -1.52 22.76
CA HIS A 234 -9.07 -0.70 21.66
C HIS A 234 -10.00 -1.53 20.79
N ALA A 235 -9.70 -2.81 20.59
CA ALA A 235 -10.62 -3.67 19.88
C ALA A 235 -11.93 -3.80 20.65
N ALA A 236 -11.83 -4.10 21.94
CA ALA A 236 -13.02 -4.22 22.74
C ALA A 236 -13.92 -2.94 22.70
N THR A 237 -13.38 -1.74 22.72
CA THR A 237 -14.24 -0.57 22.58
C THR A 237 -15.00 -0.53 21.25
N GLN A 238 -14.46 -1.16 20.20
CA GLN A 238 -15.17 -1.25 18.91
C GLN A 238 -16.10 -2.43 18.85
N GLY A 239 -16.19 -3.19 19.93
CA GLY A 239 -17.08 -4.37 19.99
C GLY A 239 -16.49 -5.62 19.38
N LEU A 240 -15.17 -5.64 19.20
CA LEU A 240 -14.50 -6.75 18.47
C LEU A 240 -13.72 -7.68 19.40
N THR A 241 -13.63 -8.93 19.04
CA THR A 241 -12.85 -9.90 19.78
C THR A 241 -11.46 -9.98 19.17
N SER A 242 -10.42 -10.10 19.98
CA SER A 242 -9.09 -10.02 19.45
C SER A 242 -8.52 -11.39 19.14
N ILE A 243 -7.84 -11.49 18.02
CA ILE A 243 -7.07 -12.61 17.61
C ILE A 243 -5.65 -12.15 17.18
N CYS A 244 -4.70 -13.07 17.13
CA CYS A 244 -3.44 -12.78 16.50
C CYS A 244 -2.74 -14.04 16.11
N SER A 245 -1.67 -13.90 15.33
CA SER A 245 -0.81 -15.04 15.03
C SER A 245 0.65 -14.71 15.06
N THR A 246 1.50 -15.72 15.19
CA THR A 246 2.91 -15.51 15.04
C THR A 246 3.57 -16.77 14.54
N GLU A 247 4.83 -16.67 14.13
CA GLU A 247 5.56 -17.80 13.58
C GLU A 247 5.95 -18.77 14.68
N SER A 248 6.10 -20.04 14.33
CA SER A 248 6.44 -21.06 15.33
C SER A 248 7.80 -20.84 15.94
N ASN A 249 8.74 -20.22 15.21
CA ASN A 249 10.06 -19.98 15.84
C ASN A 249 10.12 -18.67 16.70
N ASN A 250 9.02 -17.91 16.74
CA ASN A 250 9.03 -16.60 17.39
C ASN A 250 8.64 -16.77 18.88
N VAL A 251 9.61 -17.24 19.65
CA VAL A 251 9.42 -17.51 21.03
C VAL A 251 9.07 -16.28 21.87
N ALA A 252 9.72 -15.14 21.60
CA ALA A 252 9.39 -13.93 22.35
C ALA A 252 7.92 -13.51 22.12
N ALA A 253 7.47 -13.61 20.87
CA ALA A 253 6.11 -13.26 20.53
C ALA A 253 5.13 -14.15 21.25
N GLN A 254 5.40 -15.45 21.25
CA GLN A 254 4.49 -16.43 21.81
C GLN A 254 4.35 -16.16 23.29
N LYS A 255 5.49 -15.88 23.91
CA LYS A 255 5.52 -15.59 25.34
C LYS A 255 4.66 -14.34 25.59
N ALA A 256 4.84 -13.25 24.85
CA ALA A 256 4.08 -12.00 25.12
C ALA A 256 2.57 -12.21 24.84
N ILE A 257 2.29 -12.97 23.79
CA ILE A 257 0.91 -13.19 23.42
C ILE A 257 0.21 -13.95 24.52
N ALA A 258 0.87 -14.95 25.10
CA ALA A 258 0.20 -15.80 26.07
C ALA A 258 0.12 -15.02 27.39
N HIS A 259 1.11 -14.16 27.66
CA HIS A 259 1.02 -13.30 28.84
C HIS A 259 -0.08 -12.25 28.71
N ALA A 260 -0.41 -11.85 27.48
CA ALA A 260 -1.44 -10.85 27.28
C ALA A 260 -2.84 -11.48 27.36
N GLY A 261 -2.93 -12.74 27.84
CA GLY A 261 -4.23 -13.42 28.02
C GLY A 261 -4.79 -14.14 26.80
N PHE A 262 -3.93 -14.45 25.84
CA PHE A 262 -4.37 -15.19 24.66
C PHE A 262 -4.06 -16.67 24.76
N THR A 263 -4.90 -17.53 24.19
CA THR A 263 -4.61 -18.95 24.07
C THR A 263 -4.67 -19.40 22.63
N SER A 264 -4.10 -20.58 22.37
CA SER A 264 -3.93 -21.13 21.06
C SER A 264 -4.27 -22.61 20.95
N ALA A 265 -5.39 -22.91 20.32
CA ALA A 265 -5.75 -24.29 20.02
C ALA A 265 -5.47 -24.60 18.56
N HIS A 266 -4.93 -23.61 17.82
CA HIS A 266 -4.76 -23.72 16.39
C HIS A 266 -3.39 -23.42 15.85
N ARG A 267 -3.10 -24.01 14.68
CA ARG A 267 -1.80 -23.97 14.06
C ARG A 267 -1.97 -23.87 12.58
N ILE A 268 -1.08 -23.15 11.90
CA ILE A 268 -1.00 -23.24 10.44
C ILE A 268 0.19 -24.13 10.17
N VAL A 269 -0.04 -25.10 9.32
CA VAL A 269 0.95 -26.11 9.04
C VAL A 269 1.26 -26.07 7.58
N GLN A 270 2.51 -26.34 7.25
CA GLN A 270 2.96 -26.49 5.89
C GLN A 270 3.21 -27.94 5.63
N PHE A 271 2.45 -28.51 4.68
CA PHE A 271 2.54 -29.92 4.27
C PHE A 271 3.25 -30.06 2.94
N GLU A 272 4.08 -31.09 2.79
CA GLU A 272 4.74 -31.36 1.53
C GLU A 272 4.06 -32.59 0.96
N PHE A 273 3.78 -32.55 -0.33
CA PHE A 273 3.13 -33.65 -0.99
C PHE A 273 4.04 -34.81 -1.41
N LYS A 274 3.43 -36.00 -1.26
CA LYS A 274 3.90 -37.22 -1.89
C LYS A 274 3.26 -37.27 -3.29
N LYS B 6 20.57 28.83 11.81
CA LYS B 6 20.98 27.45 12.18
C LYS B 6 20.05 26.31 11.69
N ILE B 7 20.67 25.18 11.32
CA ILE B 7 19.97 24.08 10.63
C ILE B 7 19.99 22.80 11.47
N LYS B 8 18.82 22.25 11.75
CA LYS B 8 18.75 20.96 12.44
C LYS B 8 17.92 19.97 11.66
N THR B 9 18.28 18.69 11.76
CA THR B 9 17.45 17.59 11.28
C THR B 9 16.13 17.70 11.99
N ILE B 10 15.05 17.54 11.24
CA ILE B 10 13.68 17.53 11.80
C ILE B 10 13.24 16.13 12.25
N GLU B 11 13.09 15.97 13.56
CA GLU B 11 12.63 14.71 14.15
C GLU B 11 11.25 14.37 13.63
N SER B 12 10.28 15.19 13.98
CA SER B 12 8.89 14.88 13.70
C SER B 12 8.29 15.84 12.68
N LEU B 13 7.78 15.28 11.58
CA LEU B 13 7.18 16.09 10.52
C LEU B 13 5.98 16.91 10.97
N SER B 14 5.35 16.53 12.08
CA SER B 14 4.37 17.39 12.76
C SER B 14 4.84 18.79 13.20
N ASP B 15 6.15 19.03 13.30
CA ASP B 15 6.68 20.39 13.54
C ASP B 15 6.51 21.31 12.31
N LEU B 16 6.41 20.72 11.11
CA LEU B 16 6.42 21.49 9.88
C LEU B 16 5.03 21.88 9.43
N THR B 17 4.00 21.48 10.17
CA THR B 17 2.62 21.66 9.73
C THR B 17 2.33 23.05 9.13
N GLN B 18 2.53 24.11 9.90
CA GLN B 18 2.21 25.47 9.46
C GLN B 18 3.05 25.89 8.22
N LEU B 19 4.34 25.61 8.25
CA LEU B 19 5.25 25.97 7.14
C LEU B 19 4.96 25.17 5.85
N LYS B 20 4.51 23.92 5.97
CA LYS B 20 4.16 23.12 4.78
C LYS B 20 2.94 23.76 4.14
N LYS B 21 1.96 24.09 4.95
CA LYS B 21 0.72 24.67 4.45
C LYS B 21 1.03 25.94 3.72
N ALA B 22 1.90 26.76 4.32
CA ALA B 22 2.35 27.98 3.70
C ALA B 22 3.14 27.70 2.39
N TYR B 23 4.05 26.73 2.41
CA TYR B 23 4.73 26.32 1.18
C TYR B 23 3.73 25.99 0.07
N PHE B 24 2.74 25.13 0.35
CA PHE B 24 1.77 24.73 -0.70
C PHE B 24 0.92 25.91 -1.12
N ASP B 25 0.46 26.71 -0.17
CA ASP B 25 -0.33 27.91 -0.51
C ASP B 25 0.34 28.77 -1.53
N SER B 26 1.65 28.90 -1.45
CA SER B 26 2.37 29.81 -2.37
C SER B 26 2.54 29.22 -3.73
N SER B 27 2.19 27.96 -3.95
CA SER B 27 2.43 27.40 -5.27
C SER B 27 1.47 28.07 -6.27
N ILE B 28 1.90 28.34 -7.50
CA ILE B 28 1.03 28.98 -8.49
C ILE B 28 -0.10 28.05 -8.92
N VAL B 29 0.22 26.77 -9.11
CA VAL B 29 -0.75 25.73 -9.36
C VAL B 29 -0.54 24.60 -8.34
N PRO B 30 -1.51 23.68 -8.25
CA PRO B 30 -1.34 22.50 -7.46
C PRO B 30 -0.14 21.71 -7.94
N LEU B 31 0.63 21.23 -6.96
CA LEU B 31 1.82 20.48 -7.24
C LEU B 31 1.50 18.98 -7.42
N ASP B 32 2.41 18.30 -8.13
CA ASP B 32 2.28 16.92 -8.47
C ASP B 32 2.25 15.99 -7.24
N GLY B 33 1.12 15.32 -7.08
CA GLY B 33 0.86 14.45 -5.90
C GLY B 33 1.88 13.38 -5.55
N TRP B 35 5.05 13.49 -6.39
CA TRP B 35 6.28 14.17 -5.96
C TRP B 35 6.17 14.69 -4.55
N HIS B 36 5.08 15.38 -4.26
CA HIS B 36 4.98 16.09 -3.01
C HIS B 36 4.25 15.40 -1.91
N PHE B 37 3.40 14.40 -2.23
CA PHE B 37 2.75 13.60 -1.18
C PHE B 37 3.22 12.18 -1.13
N GLY B 38 4.04 11.76 -2.09
CA GLY B 38 4.66 10.44 -2.04
C GLY B 38 6.09 10.56 -1.65
N PHE B 39 6.92 11.12 -2.55
CA PHE B 39 8.36 11.17 -2.28
C PHE B 39 8.75 12.14 -1.16
N ALA B 40 8.18 13.34 -1.18
CA ALA B 40 8.74 14.41 -0.33
C ALA B 40 8.65 13.97 1.14
N PRO B 41 7.50 13.43 1.56
CA PRO B 41 7.41 13.02 2.96
C PRO B 41 8.42 11.95 3.40
N ALA B 43 11.55 11.86 2.36
CA ALA B 43 12.87 12.47 2.30
C ALA B 43 13.30 12.96 3.68
N LYS B 44 14.60 13.07 3.90
CA LYS B 44 15.09 13.65 5.13
C LYS B 44 14.74 15.13 5.20
N HIS B 45 14.18 15.58 6.33
CA HIS B 45 13.86 16.99 6.52
C HIS B 45 14.82 17.72 7.46
N PHE B 46 14.94 19.03 7.25
CA PHE B 46 15.78 19.89 8.06
C PHE B 46 15.04 21.19 8.31
N GLY B 47 15.15 21.69 9.53
CA GLY B 47 14.49 22.94 9.90
C GLY B 47 15.51 24.06 9.91
N PHE B 48 15.09 25.22 9.42
CA PHE B 48 15.90 26.44 9.49
C PHE B 48 15.40 27.31 10.64
N TYR B 49 16.24 27.49 11.65
CA TYR B 49 15.82 28.17 12.87
C TYR B 49 16.54 29.51 13.01
N VAL B 50 15.75 30.58 13.16
CA VAL B 50 16.26 31.92 13.42
C VAL B 50 16.03 32.26 14.90
N ASN B 51 17.07 32.08 15.71
CA ASN B 51 17.05 32.46 17.12
C ASN B 51 16.09 31.62 17.96
N LYS B 52 16.00 30.34 17.64
CA LYS B 52 15.16 29.35 18.34
C LYS B 52 13.70 29.23 17.83
N ASN B 53 13.29 30.08 16.89
CA ASN B 53 11.97 29.94 16.24
C ASN B 53 12.21 29.29 14.88
N LEU B 54 11.42 28.28 14.54
CA LEU B 54 11.57 27.59 13.25
C LEU B 54 10.89 28.39 12.16
N VAL B 55 11.68 28.98 11.26
CA VAL B 55 11.15 29.88 10.21
C VAL B 55 11.28 29.33 8.77
N GLY B 56 11.74 28.08 8.63
CA GLY B 56 11.83 27.43 7.31
C GLY B 56 12.25 25.97 7.37
N PHE B 57 12.33 25.33 6.21
CA PHE B 57 12.73 23.90 6.13
C PHE B 57 13.15 23.58 4.72
N CYS B 58 13.76 22.45 4.53
CA CYS B 58 13.82 21.85 3.20
C CYS B 58 13.86 20.35 3.40
N CYS B 59 13.86 19.61 2.31
CA CYS B 59 14.05 18.19 2.38
C CYS B 59 14.82 17.68 1.19
N VAL B 60 15.67 16.70 1.45
CA VAL B 60 16.65 16.19 0.50
C VAL B 60 16.38 14.71 0.36
N ASN B 61 16.28 14.21 -0.86
CA ASN B 61 16.05 12.78 -1.04
C ASN B 61 17.32 11.95 -0.84
N ASP B 62 17.18 10.63 -0.99
CA ASP B 62 18.29 9.70 -0.80
C ASP B 62 19.40 9.83 -1.82
N ASP B 63 19.03 10.27 -3.02
CA ASP B 63 20.01 10.48 -4.07
C ASP B 63 20.77 11.77 -3.84
N GLY B 64 20.34 12.55 -2.86
CA GLY B 64 20.97 13.85 -2.55
C GLY B 64 20.35 15.07 -3.29
N TYR B 65 19.09 14.94 -3.73
CA TYR B 65 18.38 16.03 -4.40
C TYR B 65 17.33 16.66 -3.47
N LEU B 66 17.36 17.99 -3.40
CA LEU B 66 16.34 18.74 -2.68
C LEU B 66 15.02 18.50 -3.38
N LEU B 67 13.92 18.46 -2.63
CA LEU B 67 12.60 18.32 -3.25
C LEU B 67 11.71 19.49 -2.86
N GLN B 68 11.98 20.08 -1.69
CA GLN B 68 11.27 21.25 -1.23
C GLN B 68 12.24 22.15 -0.46
N TYR B 69 11.93 23.45 -0.45
CA TYR B 69 12.68 24.48 0.27
C TYR B 69 11.75 25.66 0.49
N TYR B 70 11.74 26.19 1.70
CA TYR B 70 10.85 27.27 2.04
C TYR B 70 11.33 27.98 3.26
N LEU B 71 11.51 29.29 3.12
CA LEU B 71 11.84 30.20 4.20
C LEU B 71 10.73 31.25 4.25
N GLN B 72 10.35 31.64 5.47
CA GLN B 72 9.35 32.70 5.67
C GLN B 72 9.72 33.96 4.86
N PRO B 73 8.72 34.54 4.17
CA PRO B 73 8.92 35.43 3.01
C PRO B 73 9.87 36.61 3.29
N GLU B 74 9.83 37.08 4.53
CA GLU B 74 10.84 38.00 4.96
C GLU B 74 12.09 37.22 5.41
N PHE B 75 12.89 36.75 4.46
CA PHE B 75 14.33 36.58 4.67
C PHE B 75 15.06 36.52 3.34
N GLN B 76 14.57 37.28 2.37
CA GLN B 76 15.20 37.47 1.05
C GLN B 76 16.74 37.29 0.97
N LEU B 77 17.50 38.24 1.52
CA LEU B 77 18.95 38.26 1.28
C LEU B 77 19.59 37.09 2.05
N CYS B 78 19.06 36.83 3.25
CA CYS B 78 19.50 35.66 4.03
C CYS B 78 19.12 34.33 3.34
N SER B 79 17.91 34.26 2.77
CA SER B 79 17.49 33.10 1.96
C SER B 79 18.54 32.83 0.86
N GLN B 80 18.89 33.85 0.07
CA GLN B 80 19.91 33.65 -0.98
C GLN B 80 21.22 33.05 -0.45
N GLU B 81 21.69 33.55 0.69
CA GLU B 81 22.98 33.15 1.22
C GLU B 81 22.93 31.73 1.71
N LEU B 82 21.89 31.43 2.50
CA LEU B 82 21.56 30.06 2.93
C LEU B 82 21.49 29.04 1.80
N PHE B 83 20.67 29.33 0.81
CA PHE B 83 20.52 28.39 -0.29
C PHE B 83 21.87 28.10 -0.94
N THR B 84 22.64 29.15 -1.16
CA THR B 84 23.95 29.05 -1.81
C THR B 84 24.90 28.17 -0.96
N LEU B 85 24.89 28.40 0.35
CA LEU B 85 25.57 27.56 1.35
C LEU B 85 25.23 26.06 1.17
N ILE B 86 23.93 25.75 1.23
CA ILE B 86 23.46 24.36 1.11
C ILE B 86 23.81 23.77 -0.25
N SER B 87 23.58 24.56 -1.29
CA SER B 87 23.81 24.14 -2.65
C SER B 87 25.29 23.98 -2.90
N GLN B 88 26.11 24.75 -2.20
CA GLN B 88 27.58 24.61 -2.29
C GLN B 88 28.24 23.68 -1.26
N GLN B 89 27.51 22.74 -0.67
CA GLN B 89 28.12 21.69 0.18
C GLN B 89 28.61 22.20 1.52
N ASN B 90 28.22 23.42 1.85
CA ASN B 90 28.79 24.12 3.00
C ASN B 90 28.10 23.82 4.33
N SER B 91 27.02 23.05 4.29
CA SER B 91 26.35 22.65 5.53
C SER B 91 26.93 21.35 6.04
N SER B 92 27.67 21.42 7.14
CA SER B 92 28.10 20.21 7.81
C SER B 92 26.92 19.27 8.06
N VAL B 93 25.73 19.83 8.29
CA VAL B 93 24.57 19.05 8.77
C VAL B 93 23.67 18.47 7.67
N ILE B 94 23.55 19.14 6.53
CA ILE B 94 22.86 18.53 5.37
C ILE B 94 23.84 17.74 4.51
N GLY B 95 25.09 18.21 4.43
CA GLY B 95 26.12 17.51 3.69
C GLY B 95 26.04 17.76 2.19
N GLU B 96 26.47 16.77 1.41
CA GLU B 96 26.54 16.81 -0.06
C GLU B 96 25.14 16.79 -0.68
N VAL B 97 24.80 17.91 -1.33
CA VAL B 97 23.56 18.04 -2.08
C VAL B 97 23.96 18.20 -3.53
N LYS B 98 23.49 17.30 -4.38
CA LYS B 98 23.85 17.30 -5.80
C LYS B 98 23.05 18.33 -6.62
N GLY B 99 21.79 18.50 -6.22
CA GLY B 99 20.85 19.15 -7.13
C GLY B 99 19.52 19.38 -6.50
N ALA B 100 18.53 19.68 -7.34
CA ALA B 100 17.20 19.95 -6.85
C ALA B 100 16.18 19.60 -7.90
N PHE B 101 15.00 19.21 -7.45
CA PHE B 101 13.88 19.09 -8.33
C PHE B 101 12.96 20.17 -7.88
N VAL B 102 12.50 20.98 -8.83
CA VAL B 102 11.56 22.06 -8.55
C VAL B 102 10.69 22.30 -9.75
N SER B 103 9.43 22.70 -9.51
CA SER B 103 8.59 23.12 -10.65
C SER B 103 8.61 24.62 -10.84
N THR B 104 8.20 24.98 -12.06
CA THR B 104 7.96 26.35 -12.45
C THR B 104 6.83 27.00 -11.64
N ALA B 105 6.08 26.23 -10.85
CA ALA B 105 5.05 26.79 -9.97
C ALA B 105 5.55 27.12 -8.56
N GLU B 106 6.84 26.88 -8.30
CA GLU B 106 7.44 27.15 -6.95
C GLU B 106 8.47 28.26 -7.09
N LEU B 107 7.99 29.49 -7.12
CA LEU B 107 8.80 30.57 -7.66
C LEU B 107 10.09 30.81 -6.87
N ASN B 108 9.97 30.97 -5.55
CA ASN B 108 11.15 31.26 -4.75
C ASN B 108 12.20 30.16 -4.80
N TYR B 109 11.74 28.91 -4.59
CA TYR B 109 12.59 27.74 -4.61
C TYR B 109 13.27 27.67 -5.96
N GLN B 110 12.48 27.85 -7.01
CA GLN B 110 13.04 27.82 -8.36
C GLN B 110 14.09 28.91 -8.57
N ALA B 111 13.81 30.08 -8.04
CA ALA B 111 14.66 31.20 -8.32
C ALA B 111 16.05 30.86 -7.83
N LEU B 112 16.12 30.28 -6.64
CA LEU B 112 17.39 30.05 -6.00
C LEU B 112 18.10 28.89 -6.71
N CYS B 113 17.33 27.92 -7.19
CA CYS B 113 17.88 26.86 -7.99
C CYS B 113 18.56 27.46 -9.17
N LEU B 114 17.85 28.35 -9.88
CA LEU B 114 18.39 28.98 -11.08
C LEU B 114 19.69 29.65 -10.75
N ASP B 115 19.76 30.42 -9.67
CA ASP B 115 20.96 31.19 -9.33
C ASP B 115 22.17 30.30 -9.04
N ASN B 116 21.93 29.09 -8.53
CA ASN B 116 23.00 28.28 -7.96
C ASN B 116 23.22 26.99 -8.71
N SER B 117 22.53 26.77 -9.83
CA SER B 117 22.70 25.55 -10.58
C SER B 117 23.59 25.72 -11.80
N ALA B 118 24.13 24.61 -12.30
CA ALA B 118 25.05 24.58 -13.43
C ALA B 118 24.34 24.09 -14.68
N THR B 119 23.56 23.02 -14.54
CA THR B 119 22.85 22.44 -15.67
C THR B 119 21.46 22.00 -15.23
N PHE B 120 20.65 21.56 -16.17
CA PHE B 120 19.26 21.18 -15.88
C PHE B 120 18.77 20.28 -16.91
N LYS B 121 17.72 19.56 -16.57
CA LYS B 121 16.90 18.90 -17.56
C LYS B 121 15.47 18.91 -17.06
N VAL B 122 14.55 18.73 -18.00
CA VAL B 122 13.14 18.72 -17.72
C VAL B 122 12.84 17.31 -17.31
N ASN B 123 12.15 17.17 -16.19
CA ASN B 123 11.72 15.88 -15.72
C ASN B 123 10.32 15.55 -16.22
N SER B 124 9.37 16.46 -16.05
CA SER B 124 8.00 16.18 -16.47
C SER B 124 7.15 17.41 -16.72
N LEU B 125 5.97 17.19 -17.32
CA LEU B 125 5.05 18.29 -17.68
C LEU B 125 3.89 18.26 -16.75
N TYR B 127 0.05 19.43 -16.29
CA TYR B 127 -1.08 19.88 -17.10
C TYR B 127 -2.24 20.30 -16.25
N GLN B 128 -3.09 21.17 -16.78
CA GLN B 128 -4.44 21.39 -16.20
C GLN B 128 -5.55 21.40 -17.26
N HIS B 129 -6.76 21.13 -16.82
CA HIS B 129 -7.84 20.90 -17.76
C HIS B 129 -8.55 22.21 -18.09
N ASN B 130 -8.81 22.41 -19.39
CA ASN B 130 -9.68 23.48 -19.92
C ASN B 130 -10.94 22.97 -20.67
N THR B 131 -12.11 23.30 -20.14
CA THR B 131 -13.39 22.81 -20.66
C THR B 131 -13.58 23.13 -22.15
N LYS B 132 -13.09 24.29 -22.55
CA LYS B 132 -13.27 24.76 -23.92
C LYS B 132 -12.40 23.97 -24.89
N LEU B 133 -11.26 23.48 -24.41
CA LEU B 133 -10.33 22.72 -25.27
C LEU B 133 -10.83 21.32 -25.65
N ALA B 134 -11.79 20.77 -24.91
CA ALA B 134 -12.36 19.45 -25.26
C ALA B 134 -13.51 19.58 -26.28
N ASN B 137 -16.47 16.35 -29.21
CA ASN B 137 -17.39 15.34 -29.75
C ASN B 137 -16.75 13.94 -29.77
N LEU B 138 -15.68 13.77 -29.00
CA LEU B 138 -14.96 12.49 -28.94
C LEU B 138 -15.89 11.29 -28.59
N GLU B 139 -15.51 10.08 -29.02
CA GLU B 139 -16.30 8.88 -28.66
C GLU B 139 -16.08 8.62 -27.16
N ILE B 141 -16.23 6.26 -23.60
CA ILE B 141 -16.23 4.93 -23.02
C ILE B 141 -16.84 4.98 -21.62
N ASP B 142 -17.14 3.83 -21.09
CA ASP B 142 -17.52 3.67 -19.71
C ASP B 142 -16.45 2.87 -19.04
N GLN B 144 -15.49 1.25 -14.98
CA GLN B 144 -16.11 0.82 -13.78
C GLN B 144 -15.16 1.00 -12.57
N ILE B 145 -15.76 1.27 -11.41
CA ILE B 145 -15.02 1.36 -10.19
C ILE B 145 -14.43 -0.01 -9.85
N ALA B 146 -13.14 -0.06 -9.61
CA ALA B 146 -12.50 -1.31 -9.20
C ALA B 146 -13.03 -1.85 -7.86
N GLY B 147 -13.47 -3.10 -7.83
CA GLY B 147 -13.86 -3.75 -6.60
C GLY B 147 -12.68 -4.58 -6.08
N THR B 148 -12.72 -4.89 -4.77
CA THR B 148 -11.71 -5.69 -4.07
C THR B 148 -11.36 -6.94 -4.84
N GLU B 149 -12.37 -7.70 -5.25
CA GLU B 149 -12.10 -8.93 -6.01
C GLU B 149 -11.36 -8.77 -7.33
N GLN B 150 -11.35 -7.57 -7.90
CA GLN B 150 -10.63 -7.29 -9.16
C GLN B 150 -9.17 -6.92 -8.94
N LEU B 151 -8.72 -6.86 -7.68
CA LEU B 151 -7.40 -6.36 -7.37
C LEU B 151 -6.30 -7.12 -8.13
N THR B 152 -6.28 -8.42 -7.99
CA THR B 152 -5.32 -9.24 -8.69
C THR B 152 -5.32 -9.03 -10.20
N ALA B 153 -6.48 -8.87 -10.81
CA ALA B 153 -6.46 -8.54 -12.25
C ALA B 153 -5.84 -7.19 -12.56
N PHE B 154 -6.06 -6.18 -11.72
CA PHE B 154 -5.38 -4.89 -11.98
C PHE B 154 -3.84 -5.02 -11.75
N VAL B 155 -3.44 -5.75 -10.72
CA VAL B 155 -2.00 -5.94 -10.43
C VAL B 155 -1.35 -6.66 -11.60
N THR B 156 -1.93 -7.77 -12.03
CA THR B 156 -1.42 -8.49 -13.22
C THR B 156 -1.36 -7.60 -14.45
N PHE B 157 -2.36 -6.73 -14.59
CA PHE B 157 -2.36 -5.81 -15.72
C PHE B 157 -1.24 -4.76 -15.69
N ALA B 158 -1.06 -4.13 -14.53
CA ALA B 158 -0.12 -3.05 -14.41
C ALA B 158 1.29 -3.63 -14.54
N ALA B 159 1.53 -4.73 -13.83
CA ALA B 159 2.80 -5.43 -13.92
C ALA B 159 3.15 -5.75 -15.37
N ALA B 160 2.23 -6.28 -16.15
CA ALA B 160 2.60 -6.67 -17.51
C ALA B 160 2.86 -5.45 -18.38
N ASN B 161 2.29 -4.29 -18.03
CA ASN B 161 2.27 -3.14 -18.94
C ASN B 161 3.16 -1.97 -18.53
N ILE B 162 3.53 -1.84 -17.25
CA ILE B 162 4.58 -0.88 -16.87
C ILE B 162 5.71 -1.52 -16.09
N GLY B 163 5.61 -2.81 -15.80
CA GLY B 163 6.65 -3.54 -15.07
C GLY B 163 6.79 -3.20 -13.59
N ALA B 164 5.82 -2.51 -12.98
CA ALA B 164 5.93 -2.27 -11.53
C ALA B 164 5.91 -3.60 -10.77
N PRO B 165 6.42 -3.63 -9.53
CA PRO B 165 6.44 -4.90 -8.81
C PRO B 165 5.09 -5.27 -8.19
N GLU B 166 4.75 -6.54 -8.24
CA GLU B 166 3.42 -6.99 -7.86
C GLU B 166 3.04 -6.74 -6.42
N GLN B 167 3.99 -6.99 -5.54
CA GLN B 167 3.77 -6.88 -4.12
C GLN B 167 3.42 -5.42 -3.79
N TRP B 168 4.21 -4.50 -4.32
CA TRP B 168 3.96 -3.09 -4.18
C TRP B 168 2.61 -2.68 -4.80
N LEU B 169 2.33 -3.18 -6.00
CA LEU B 169 1.11 -2.80 -6.72
C LEU B 169 -0.10 -3.27 -5.89
N THR B 170 0.07 -4.40 -5.23
CA THR B 170 -1.03 -5.01 -4.46
C THR B 170 -1.44 -4.02 -3.37
N GLN B 171 -0.45 -3.41 -2.71
CA GLN B 171 -0.73 -2.42 -1.65
C GLN B 171 -1.20 -1.12 -2.23
N TYR B 172 -0.58 -0.70 -3.32
CA TYR B 172 -0.90 0.61 -3.88
C TYR B 172 -2.36 0.66 -4.41
N TYR B 173 -2.68 -0.34 -5.24
CA TYR B 173 -4.04 -0.50 -5.77
C TYR B 173 -5.03 -0.95 -4.69
N GLY B 174 -4.59 -1.74 -3.71
CA GLY B 174 -5.44 -2.08 -2.54
C GLY B 174 -5.96 -0.79 -1.94
N ASN B 175 -5.05 0.16 -1.74
CA ASN B 175 -5.43 1.39 -1.12
C ASN B 175 -6.30 2.23 -2.01
N LEU B 176 -5.99 2.26 -3.30
CA LEU B 176 -6.79 3.10 -4.22
C LEU B 176 -8.23 2.53 -4.29
N ILE B 177 -8.37 1.21 -4.24
CA ILE B 177 -9.66 0.59 -4.30
C ILE B 177 -10.48 0.99 -3.07
N GLU B 178 -9.84 1.00 -1.89
CA GLU B 178 -10.51 1.51 -0.70
C GLU B 178 -10.91 2.97 -0.86
N ARG B 179 -10.15 3.76 -1.62
CA ARG B 179 -10.49 5.15 -1.78
C ARG B 179 -11.44 5.40 -2.96
N LYS B 180 -11.77 4.33 -3.68
CA LYS B 180 -12.56 4.39 -4.89
C LYS B 180 -11.95 5.31 -5.92
N GLU B 181 -10.68 5.10 -6.15
CA GLU B 181 -9.94 5.95 -7.06
C GLU B 181 -9.41 5.19 -8.26
N LEU B 182 -9.69 3.89 -8.36
CA LEU B 182 -9.16 3.08 -9.46
C LEU B 182 -10.30 2.62 -10.30
N PHE B 183 -10.11 2.73 -11.59
CA PHE B 183 -11.15 2.39 -12.54
C PHE B 183 -10.61 1.53 -13.64
N GLY B 184 -11.47 0.69 -14.18
CA GLY B 184 -11.11 -0.21 -15.27
C GLY B 184 -11.99 -0.02 -16.51
N TYR B 185 -11.37 -0.14 -17.66
CA TYR B 185 -12.04 -0.21 -18.93
C TYR B 185 -11.90 -1.64 -19.38
N TRP B 186 -13.03 -2.33 -19.43
CA TRP B 186 -13.11 -3.75 -19.73
C TRP B 186 -13.73 -3.92 -21.07
N HIS B 187 -13.20 -4.85 -21.86
CA HIS B 187 -13.85 -5.27 -23.10
C HIS B 187 -13.82 -6.78 -23.20
N LYS B 188 -15.00 -7.39 -23.17
CA LYS B 188 -15.14 -8.85 -23.27
C LYS B 188 -14.19 -9.58 -22.35
N GLY B 189 -14.23 -9.26 -21.07
CA GLY B 189 -13.51 -10.01 -20.07
C GLY B 189 -12.07 -9.60 -19.82
N LYS B 190 -11.54 -8.70 -20.63
CA LYS B 190 -10.18 -8.27 -20.37
C LYS B 190 -10.02 -6.74 -20.19
N LEU B 191 -9.06 -6.37 -19.36
CA LEU B 191 -8.77 -4.99 -19.13
C LEU B 191 -8.06 -4.40 -20.32
N LEU B 192 -8.58 -3.31 -20.84
CA LEU B 192 -7.86 -2.56 -21.86
C LEU B 192 -7.19 -1.31 -21.28
N ALA B 193 -7.59 -0.90 -20.06
CA ALA B 193 -6.97 0.24 -19.40
C ALA B 193 -7.34 0.34 -17.93
N ALA B 194 -6.42 0.93 -17.17
CA ALA B 194 -6.65 1.27 -15.78
C ALA B 194 -6.49 2.77 -15.64
N GLY B 195 -7.41 3.41 -14.91
CA GLY B 195 -7.40 4.87 -14.76
C GLY B 195 -7.43 5.16 -13.28
N GLU B 196 -6.72 6.24 -12.90
CA GLU B 196 -6.72 6.71 -11.53
C GLU B 196 -7.26 8.14 -11.49
N CYS B 197 -8.27 8.34 -10.64
CA CYS B 197 -8.78 9.65 -10.26
C CYS B 197 -8.53 9.88 -8.75
N ARG B 198 -7.36 10.44 -8.45
CA ARG B 198 -6.83 10.52 -7.09
C ARG B 198 -7.14 11.86 -6.41
N LEU B 199 -7.73 11.80 -5.23
CA LEU B 199 -8.05 12.97 -4.43
C LEU B 199 -6.87 13.30 -3.48
N PHE B 200 -6.71 14.56 -3.11
CA PHE B 200 -5.70 14.97 -2.16
C PHE B 200 -6.33 15.07 -0.80
N ASP B 201 -5.67 14.55 0.19
CA ASP B 201 -6.22 14.57 1.53
C ASP B 201 -5.97 15.91 2.16
N GLN B 202 -5.02 16.66 1.61
CA GLN B 202 -4.68 17.95 2.17
C GLN B 202 -4.22 18.95 1.16
N TYR B 203 -4.39 20.22 1.52
CA TYR B 203 -3.82 21.35 0.77
C TYR B 203 -4.42 21.56 -0.61
N GLN B 204 -4.72 20.49 -1.34
CA GLN B 204 -5.15 20.59 -2.73
C GLN B 204 -6.46 19.85 -2.96
N THR B 205 -7.35 19.95 -1.97
CA THR B 205 -8.59 19.15 -1.90
C THR B 205 -9.64 19.48 -2.95
N GLU B 206 -9.36 20.47 -3.81
CA GLU B 206 -10.32 20.90 -4.81
C GLU B 206 -9.87 20.37 -6.17
N TYR B 207 -8.81 19.57 -6.17
CA TYR B 207 -8.27 19.01 -7.40
C TYR B 207 -8.28 17.48 -7.39
N ALA B 208 -8.26 16.92 -8.59
CA ALA B 208 -8.09 15.48 -8.77
C ALA B 208 -6.85 15.27 -9.66
N ASP B 209 -6.00 14.33 -9.28
CA ASP B 209 -4.78 13.97 -10.03
C ASP B 209 -5.06 12.69 -10.81
N LEU B 210 -4.87 12.76 -12.12
CA LEU B 210 -5.28 11.65 -12.99
C LEU B 210 -4.09 10.80 -13.48
N GLY B 211 -4.29 9.50 -13.59
CA GLY B 211 -3.32 8.60 -14.25
C GLY B 211 -4.00 7.48 -15.04
N ILE B 213 -3.06 3.59 -17.43
CA ILE B 213 -2.21 2.63 -18.14
C ILE B 213 -3.03 2.01 -19.25
N VAL B 214 -2.59 2.13 -20.51
CA VAL B 214 -3.28 1.40 -21.57
C VAL B 214 -2.58 0.06 -21.90
N ALA B 215 -3.36 -0.99 -22.11
CA ALA B 215 -2.82 -2.28 -22.52
C ALA B 215 -1.87 -2.13 -23.73
N GLN B 216 -0.67 -2.70 -23.63
CA GLN B 216 0.31 -2.58 -24.71
C GLN B 216 -0.23 -3.15 -26.01
N SER B 217 -1.10 -4.15 -25.95
CA SER B 217 -1.68 -4.67 -27.19
C SER B 217 -2.67 -3.73 -27.91
N ASN B 218 -3.03 -2.60 -27.29
CA ASN B 218 -4.05 -1.75 -27.91
C ASN B 218 -3.67 -0.31 -27.89
N ARG B 219 -2.38 -0.03 -28.07
CA ARG B 219 -1.92 1.35 -28.23
C ARG B 219 -2.34 1.89 -29.60
N GLY B 220 -2.40 3.21 -29.70
CA GLY B 220 -2.78 3.91 -30.91
C GLY B 220 -4.28 3.88 -31.28
N GLN B 221 -5.12 3.25 -30.45
CA GLN B 221 -6.55 3.25 -30.69
C GLN B 221 -7.27 4.42 -30.00
N GLY B 222 -6.51 5.39 -29.51
CA GLY B 222 -7.13 6.54 -28.84
C GLY B 222 -7.79 6.18 -27.52
N ILE B 223 -7.47 5.03 -26.96
CA ILE B 223 -8.03 4.66 -25.64
C ILE B 223 -7.62 5.66 -24.54
N ALA B 224 -6.37 6.12 -24.55
CA ALA B 224 -5.86 6.86 -23.38
C ALA B 224 -6.58 8.15 -23.21
N LYS B 225 -6.97 8.74 -24.30
CA LYS B 225 -7.63 10.02 -24.24
C LYS B 225 -9.08 9.87 -23.77
N LYS B 226 -9.68 8.73 -24.09
CA LYS B 226 -11.04 8.46 -23.68
C LYS B 226 -11.07 8.19 -22.18
N VAL B 227 -9.97 7.60 -21.69
CA VAL B 227 -9.81 7.29 -20.29
C VAL B 227 -9.68 8.56 -19.51
N LEU B 228 -8.87 9.51 -19.98
CA LEU B 228 -8.72 10.77 -19.28
C LEU B 228 -10.01 11.57 -19.31
N THR B 229 -10.73 11.51 -20.44
CA THR B 229 -12.01 12.18 -20.52
C THR B 229 -12.91 11.62 -19.45
N PHE B 230 -13.00 10.29 -19.34
CA PHE B 230 -13.89 9.67 -18.36
C PHE B 230 -13.50 10.13 -16.97
N LEU B 231 -12.21 10.11 -16.68
CA LEU B 231 -11.76 10.39 -15.33
C LEU B 231 -12.00 11.87 -15.03
N THR B 232 -11.83 12.70 -16.05
CA THR B 232 -12.10 14.10 -15.88
C THR B 232 -13.55 14.35 -15.48
N LYS B 233 -14.49 13.70 -16.15
CA LYS B 233 -15.89 13.88 -15.79
C LYS B 233 -16.14 13.31 -14.40
N HIS B 234 -15.54 12.19 -14.07
CA HIS B 234 -15.79 11.62 -12.76
C HIS B 234 -15.28 12.62 -11.66
N ALA B 235 -14.15 13.23 -11.92
CA ALA B 235 -13.66 14.31 -11.04
C ALA B 235 -14.66 15.49 -10.98
N ALA B 236 -15.08 15.99 -12.13
CA ALA B 236 -16.08 17.08 -12.17
C ALA B 236 -17.33 16.76 -11.36
N THR B 237 -17.82 15.53 -11.36
CA THR B 237 -19.05 15.25 -10.62
C THR B 237 -18.85 15.31 -9.10
N GLN B 238 -17.59 15.23 -8.66
CA GLN B 238 -17.26 15.40 -7.27
C GLN B 238 -16.89 16.87 -6.98
N GLY B 239 -16.99 17.74 -7.97
CA GLY B 239 -16.65 19.16 -7.77
C GLY B 239 -15.17 19.49 -7.83
N LEU B 240 -14.38 18.57 -8.37
CA LEU B 240 -12.95 18.76 -8.46
C LEU B 240 -12.54 19.08 -9.88
N THR B 241 -11.52 19.92 -9.98
CA THR B 241 -10.85 20.25 -11.18
C THR B 241 -9.70 19.26 -11.41
N SER B 242 -9.57 18.79 -12.64
CA SER B 242 -8.54 17.80 -12.95
C SER B 242 -7.19 18.36 -13.33
N ILE B 243 -6.15 17.71 -12.80
CA ILE B 243 -4.77 17.90 -13.26
C ILE B 243 -4.11 16.55 -13.55
N CYS B 244 -3.00 16.56 -14.27
CA CYS B 244 -2.18 15.37 -14.42
C CYS B 244 -0.77 15.70 -14.79
N SER B 245 0.11 14.71 -14.79
CA SER B 245 1.50 14.92 -15.21
C SER B 245 2.08 13.75 -15.93
N THR B 246 3.19 13.97 -16.59
CA THR B 246 3.86 12.88 -17.28
C THR B 246 5.30 13.27 -17.62
N GLU B 247 6.09 12.26 -17.92
CA GLU B 247 7.52 12.42 -18.13
C GLU B 247 7.73 13.15 -19.44
N SER B 248 8.87 13.83 -19.57
CA SER B 248 9.14 14.62 -20.75
C SER B 248 9.32 13.77 -21.99
N ASN B 249 9.87 12.57 -21.86
CA ASN B 249 10.03 11.69 -23.02
C ASN B 249 8.80 10.81 -23.33
N ASN B 250 7.71 10.96 -22.58
CA ASN B 250 6.50 10.17 -22.83
C ASN B 250 5.60 10.86 -23.88
N VAL B 251 6.00 10.79 -25.14
CA VAL B 251 5.25 11.38 -26.22
C VAL B 251 3.79 10.91 -26.34
N ALA B 252 3.53 9.60 -26.28
CA ALA B 252 2.15 9.12 -26.40
C ALA B 252 1.23 9.64 -25.26
N ALA B 253 1.74 9.72 -24.05
CA ALA B 253 0.98 10.32 -22.95
C ALA B 253 0.69 11.80 -23.22
N GLN B 254 1.71 12.53 -23.62
CA GLN B 254 1.54 13.96 -23.93
C GLN B 254 0.47 14.15 -25.01
N LYS B 255 0.40 13.23 -25.96
CA LYS B 255 -0.54 13.36 -27.07
C LYS B 255 -1.97 13.20 -26.54
N ALA B 256 -2.14 12.16 -25.74
CA ALA B 256 -3.45 11.79 -25.24
C ALA B 256 -4.00 12.89 -24.33
N ILE B 257 -3.12 13.36 -23.45
CA ILE B 257 -3.44 14.40 -22.49
C ILE B 257 -3.89 15.70 -23.18
N ALA B 258 -3.12 16.11 -24.18
CA ALA B 258 -3.45 17.30 -24.90
C ALA B 258 -4.80 17.10 -25.59
N HIS B 259 -5.04 15.91 -26.16
CA HIS B 259 -6.35 15.59 -26.83
C HIS B 259 -7.49 15.30 -25.81
N ALA B 260 -7.18 15.23 -24.54
CA ALA B 260 -8.22 15.16 -23.55
C ALA B 260 -8.56 16.57 -23.05
N GLY B 261 -8.07 17.60 -23.74
CA GLY B 261 -8.34 18.99 -23.36
C GLY B 261 -7.44 19.59 -22.28
N PHE B 262 -6.26 19.01 -22.07
CA PHE B 262 -5.34 19.58 -21.06
C PHE B 262 -4.29 20.44 -21.70
N THR B 263 -3.91 21.53 -21.05
CA THR B 263 -2.74 22.30 -21.47
C THR B 263 -1.71 22.35 -20.34
N SER B 264 -0.49 22.71 -20.72
CA SER B 264 0.68 22.67 -19.84
C SER B 264 1.57 23.90 -19.93
N ALA B 265 1.51 24.70 -18.89
CA ALA B 265 2.35 25.87 -18.77
C ALA B 265 3.44 25.65 -17.66
N HIS B 266 3.55 24.42 -17.17
CA HIS B 266 4.44 24.10 -16.07
C HIS B 266 5.26 22.84 -16.27
N ARG B 267 6.43 22.82 -15.62
CA ARG B 267 7.41 21.76 -15.79
C ARG B 267 8.11 21.46 -14.47
N ILE B 268 8.49 20.19 -14.26
CA ILE B 268 9.34 19.78 -13.15
C ILE B 268 10.69 19.69 -13.77
N VAL B 269 11.65 20.41 -13.17
CA VAL B 269 12.98 20.44 -13.68
C VAL B 269 13.94 19.89 -12.66
N GLN B 270 14.99 19.27 -13.19
CA GLN B 270 16.02 18.68 -12.36
C GLN B 270 17.26 19.46 -12.62
N PHE B 271 17.68 20.23 -11.60
CA PHE B 271 18.91 20.99 -11.61
C PHE B 271 20.05 20.28 -10.86
N GLU B 272 21.28 20.52 -11.31
CA GLU B 272 22.51 20.10 -10.62
C GLU B 272 23.27 21.32 -10.15
N PHE B 273 23.79 21.26 -8.95
CA PHE B 273 24.47 22.43 -8.42
C PHE B 273 25.88 22.58 -8.98
N LYS B 274 26.35 23.81 -9.04
CA LYS B 274 27.69 24.08 -9.55
C LYS B 274 28.75 23.37 -8.70
#